data_4CI4
#
_entry.id   4CI4
#
_cell.length_a   64.526
_cell.length_b   64.526
_cell.length_c   124.387
_cell.angle_alpha   90.00
_cell.angle_beta   90.00
_cell.angle_gamma   90.00
#
_symmetry.space_group_name_H-M   'P 41 21 2'
#
loop_
_entity.id
_entity.type
_entity.pdbx_description
1 polymer 'PEROXISOME PROLIFERATOR-ACTIVATED RECEPTOR ALPHA'
2 non-polymer '2-methyl-2-[4-[2-[4-[(E)-phenyldiazenyl]phenoxy]ethyl]phenoxy]propanoic acid'
3 water water
#
_entity_poly.entity_id   1
_entity_poly.type   'polypeptide(L)'
_entity_poly.pdbx_seq_one_letter_code
;IEDSETADLKSLAKRIYEAYLKNFNMNKVKARVILSGKASNNPPFVIHDMETLCMAEKTLVAKLVANGIQNKEAEVRIFH
CCQCTSVETVTELTEFAKAIPGFANLDLNDQVTLLKYGVYEAIFAMLSSVMNKDGMLVAYGNGFITREFLKSLRKPFCDI
MEPKFDFAMKFNALELDDSDISLFVAAIICCGDRPGLLNVGHIEKMQEGIVHVLRLHLQSNHPDDIFLFPKLLQKMADLR
QLVTEHAQLVQIIKKTESDAALHPLLQEIYRDMY
;
_entity_poly.pdbx_strand_id   A
#
loop_
_chem_comp.id
_chem_comp.type
_chem_comp.name
_chem_comp.formula
Y1N non-polymer '2-methyl-2-[4-[2-[4-[(E)-phenyldiazenyl]phenoxy]ethyl]phenoxy]propanoic acid' 'C24 H24 N2 O4'
#
# COMPACT_ATOMS: atom_id res chain seq x y z
N LYS A 10 13.83 11.91 17.71
CA LYS A 10 12.49 12.42 17.90
C LYS A 10 11.54 11.29 18.32
N SER A 11 10.76 11.52 19.37
CA SER A 11 9.91 10.48 19.93
C SER A 11 8.78 10.09 18.97
N LEU A 12 8.35 11.06 18.16
CA LEU A 12 7.29 10.85 17.18
C LEU A 12 7.71 9.77 16.17
N ALA A 13 8.98 9.79 15.75
CA ALA A 13 9.51 8.77 14.85
C ALA A 13 9.44 7.39 15.49
N LYS A 14 9.82 7.34 16.76
CA LYS A 14 9.86 6.09 17.51
C LYS A 14 8.46 5.48 17.68
N ARG A 15 7.47 6.32 17.97
CA ARG A 15 6.09 5.85 18.15
C ARG A 15 5.51 5.29 16.85
N ILE A 16 5.61 6.08 15.78
CA ILE A 16 5.09 5.69 14.48
C ILE A 16 5.70 4.37 14.05
N TYR A 17 7.01 4.25 14.21
CA TYR A 17 7.73 3.06 13.80
C TYR A 17 7.24 1.84 14.57
N GLU A 18 7.08 2.01 15.87
CA GLU A 18 6.60 0.94 16.73
C GLU A 18 5.16 0.60 16.43
N ALA A 19 4.36 1.62 16.10
CA ALA A 19 2.97 1.43 15.70
C ALA A 19 2.87 0.60 14.42
N TYR A 20 3.84 0.82 13.55
CA TYR A 20 3.89 0.19 12.24
C TYR A 20 4.34 -1.25 12.36
N LEU A 21 5.21 -1.50 13.32
CA LEU A 21 5.73 -2.84 13.55
C LEU A 21 4.67 -3.67 14.27
N LYS A 22 3.87 -2.99 15.09
CA LYS A 22 2.84 -3.67 15.83
C LYS A 22 1.70 -4.02 14.89
N ASN A 23 1.45 -3.14 13.94
CA ASN A 23 0.19 -3.22 13.19
C ASN A 23 0.26 -3.83 11.80
N PHE A 24 1.46 -3.94 11.25
CA PHE A 24 1.59 -4.54 9.93
C PHE A 24 2.28 -5.87 10.01
N ASN A 25 1.51 -6.91 9.71
CA ASN A 25 2.00 -8.28 9.79
C ASN A 25 3.19 -8.46 8.87
N MET A 26 3.08 -7.91 7.66
CA MET A 26 4.20 -7.96 6.73
C MET A 26 4.93 -6.62 6.67
N ASN A 27 6.25 -6.66 6.88
CA ASN A 27 7.09 -5.48 6.65
C ASN A 27 8.32 -5.79 5.79
N LYS A 28 9.06 -4.75 5.40
CA LYS A 28 10.13 -4.93 4.43
C LYS A 28 11.25 -5.85 4.88
N VAL A 29 11.76 -5.67 6.10
CA VAL A 29 12.85 -6.52 6.57
C VAL A 29 12.37 -7.96 6.60
N LYS A 30 11.13 -8.17 7.05
CA LYS A 30 10.52 -9.50 7.02
C LYS A 30 10.46 -10.02 5.58
N ALA A 31 9.95 -9.22 4.66
CA ALA A 31 9.84 -9.66 3.27
C ALA A 31 11.22 -9.89 2.62
N ARG A 32 12.22 -9.09 2.96
CA ARG A 32 13.57 -9.30 2.41
C ARG A 32 14.23 -10.53 2.99
N VAL A 33 14.07 -10.77 4.30
CA VAL A 33 14.59 -12.00 4.89
C VAL A 33 14.01 -13.21 4.16
N ILE A 34 12.72 -13.16 3.84
CA ILE A 34 12.06 -14.23 3.10
C ILE A 34 12.66 -14.43 1.70
N LEU A 35 12.81 -13.34 0.95
CA LEU A 35 13.34 -13.42 -0.40
C LEU A 35 14.85 -13.70 -0.46
N SER A 36 15.44 -13.87 0.72
CA SER A 36 16.86 -14.18 0.86
C SER A 36 17.09 -15.68 1.12
N PRO A 43 10.49 -21.84 2.87
CA PRO A 43 10.79 -21.62 1.44
C PRO A 43 9.53 -21.28 0.64
N PRO A 44 9.38 -20.01 0.20
CA PRO A 44 8.16 -19.52 -0.46
C PRO A 44 7.71 -20.38 -1.63
N PHE A 45 6.41 -20.60 -1.77
CA PHE A 45 5.88 -21.33 -2.92
C PHE A 45 5.64 -20.41 -4.12
N VAL A 46 6.05 -20.88 -5.31
CA VAL A 46 6.01 -20.04 -6.52
C VAL A 46 4.85 -20.36 -7.46
N ILE A 47 3.88 -19.45 -7.53
CA ILE A 47 2.83 -19.54 -8.52
C ILE A 47 3.36 -18.95 -9.82
N HIS A 48 3.96 -19.79 -10.66
CA HIS A 48 4.51 -19.35 -11.94
C HIS A 48 3.61 -19.78 -13.10
N ASP A 49 2.59 -20.57 -12.77
CA ASP A 49 1.69 -21.13 -13.77
C ASP A 49 0.38 -21.54 -13.10
N MET A 50 -0.55 -22.07 -13.91
CA MET A 50 -1.85 -22.55 -13.43
C MET A 50 -1.72 -23.76 -12.51
N GLU A 51 -0.85 -24.70 -12.89
CA GLU A 51 -0.64 -25.91 -12.12
C GLU A 51 -0.17 -25.56 -10.72
N THR A 52 0.81 -24.66 -10.66
CA THR A 52 1.31 -24.14 -9.40
C THR A 52 0.29 -23.21 -8.71
N LEU A 53 -0.59 -22.58 -9.48
CA LEU A 53 -1.66 -21.76 -8.91
C LEU A 53 -2.61 -22.64 -8.09
N CYS A 54 -3.10 -23.69 -8.75
CA CYS A 54 -4.02 -24.63 -8.13
C CYS A 54 -3.42 -25.27 -6.88
N MET A 55 -2.16 -25.70 -6.96
CA MET A 55 -1.45 -26.24 -5.80
C MET A 55 -1.47 -25.28 -4.62
N ALA A 56 -1.22 -24.00 -4.91
CA ALA A 56 -1.21 -22.95 -3.90
C ALA A 56 -2.60 -22.74 -3.30
N GLU A 57 -3.62 -22.88 -4.14
CA GLU A 57 -5.01 -22.84 -3.69
C GLU A 57 -5.39 -24.07 -2.87
N LYS A 58 -4.56 -25.11 -2.92
CA LYS A 58 -4.75 -26.27 -2.08
C LYS A 58 -4.21 -25.99 -0.68
N THR A 59 -3.01 -25.41 -0.60
CA THR A 59 -2.37 -25.14 0.68
C THR A 59 -2.56 -23.72 1.22
N LEU A 60 -2.28 -22.72 0.40
CA LEU A 60 -2.02 -21.36 0.89
C LEU A 60 -3.24 -20.44 1.05
N VAL A 61 -4.30 -20.67 0.26
CA VAL A 61 -5.52 -19.87 0.38
C VAL A 61 -6.67 -20.50 -0.39
N LYS A 72 -14.96 -21.36 -11.65
CA LYS A 72 -14.47 -19.99 -11.58
C LYS A 72 -13.08 -19.82 -12.17
N GLU A 73 -12.92 -18.87 -13.08
CA GLU A 73 -11.66 -18.62 -13.77
C GLU A 73 -10.52 -18.32 -12.81
N ALA A 74 -9.32 -18.70 -13.21
CA ALA A 74 -8.12 -18.40 -12.45
C ALA A 74 -8.03 -16.89 -12.27
N GLU A 75 -8.41 -16.18 -13.31
CA GLU A 75 -8.35 -14.74 -13.37
C GLU A 75 -9.18 -14.07 -12.28
N VAL A 76 -10.46 -14.42 -12.20
CA VAL A 76 -11.36 -13.83 -11.21
C VAL A 76 -11.02 -14.32 -9.79
N ARG A 77 -10.53 -15.56 -9.71
CA ARG A 77 -10.01 -16.14 -8.47
C ARG A 77 -8.90 -15.27 -7.89
N ILE A 78 -7.92 -14.97 -8.74
CA ILE A 78 -6.79 -14.12 -8.40
C ILE A 78 -7.29 -12.75 -7.95
N PHE A 79 -8.25 -12.20 -8.69
CA PHE A 79 -8.85 -10.92 -8.38
C PHE A 79 -9.44 -10.93 -6.98
N HIS A 80 -10.24 -11.95 -6.70
CA HIS A 80 -10.86 -12.11 -5.39
C HIS A 80 -9.81 -12.12 -4.27
N CYS A 81 -8.70 -12.81 -4.53
CA CYS A 81 -7.59 -12.86 -3.58
C CYS A 81 -7.03 -11.47 -3.33
N CYS A 82 -6.96 -10.65 -4.38
CA CYS A 82 -6.52 -9.25 -4.25
C CYS A 82 -7.41 -8.49 -3.28
N GLN A 83 -8.72 -8.62 -3.47
CA GLN A 83 -9.70 -7.94 -2.62
C GLN A 83 -9.56 -8.33 -1.15
N CYS A 84 -9.36 -9.62 -0.89
CA CYS A 84 -9.15 -10.09 0.48
C CYS A 84 -7.97 -9.40 1.14
N THR A 85 -6.86 -9.35 0.41
CA THR A 85 -5.64 -8.71 0.84
C THR A 85 -5.87 -7.20 1.03
N SER A 86 -6.58 -6.59 0.09
CA SER A 86 -6.95 -5.17 0.20
C SER A 86 -7.64 -4.88 1.52
N VAL A 87 -8.64 -5.72 1.85
CA VAL A 87 -9.45 -5.50 3.05
C VAL A 87 -8.64 -5.62 4.34
N GLU A 88 -7.79 -6.65 4.40
CA GLU A 88 -6.93 -6.87 5.55
C GLU A 88 -6.00 -5.68 5.77
N THR A 89 -5.43 -5.17 4.69
CA THR A 89 -4.52 -4.04 4.79
C THR A 89 -5.23 -2.75 5.23
N VAL A 90 -6.48 -2.57 4.80
CA VAL A 90 -7.27 -1.42 5.29
C VAL A 90 -7.46 -1.49 6.79
N THR A 91 -7.84 -2.67 7.28
CA THR A 91 -7.97 -2.90 8.71
C THR A 91 -6.67 -2.53 9.43
N GLU A 92 -5.53 -2.95 8.89
CA GLU A 92 -4.26 -2.71 9.53
C GLU A 92 -3.90 -1.21 9.44
N LEU A 93 -4.21 -0.59 8.30
CA LEU A 93 -3.93 0.84 8.12
C LEU A 93 -4.74 1.66 9.11
N THR A 94 -5.99 1.25 9.29
CA THR A 94 -6.91 1.87 10.25
C THR A 94 -6.33 1.80 11.66
N GLU A 95 -5.92 0.61 12.06
CA GLU A 95 -5.34 0.41 13.38
C GLU A 95 -4.01 1.19 13.52
N PHE A 96 -3.22 1.23 12.45
CA PHE A 96 -1.95 1.97 12.44
C PHE A 96 -2.25 3.46 12.64
N ALA A 97 -3.21 3.97 11.86
CA ALA A 97 -3.65 5.35 11.95
C ALA A 97 -3.95 5.73 13.39
N LYS A 98 -4.80 4.94 14.04
CA LYS A 98 -5.20 5.20 15.41
C LYS A 98 -4.02 5.28 16.37
N ALA A 99 -2.89 4.69 16.01
CA ALA A 99 -1.74 4.69 16.90
C ALA A 99 -0.79 5.85 16.58
N ILE A 100 -1.13 6.67 15.59
CA ILE A 100 -0.35 7.86 15.26
C ILE A 100 -0.77 9.01 16.17
N PRO A 101 0.19 9.53 16.95
CA PRO A 101 -0.06 10.64 17.88
C PRO A 101 -0.88 11.74 17.24
N GLY A 102 -1.98 12.13 17.89
CA GLY A 102 -2.87 13.15 17.36
C GLY A 102 -4.04 12.58 16.53
N PHE A 103 -3.81 11.49 15.82
CA PHE A 103 -4.85 11.01 14.92
C PHE A 103 -6.20 10.78 15.61
N ALA A 104 -6.17 10.08 16.74
CA ALA A 104 -7.41 9.71 17.45
C ALA A 104 -8.11 10.91 18.04
N ASN A 105 -7.38 12.01 18.19
CA ASN A 105 -7.95 13.24 18.74
C ASN A 105 -8.66 14.07 17.68
N LEU A 106 -8.43 13.77 16.40
CA LEU A 106 -9.19 14.43 15.34
C LEU A 106 -10.68 14.10 15.44
N ASP A 107 -11.49 14.94 14.80
CA ASP A 107 -12.90 14.61 14.61
C ASP A 107 -13.02 13.31 13.82
N LEU A 108 -14.14 12.61 14.00
CA LEU A 108 -14.36 11.28 13.38
C LEU A 108 -14.46 11.41 11.87
N ASN A 109 -15.20 12.42 11.42
CA ASN A 109 -15.33 12.67 10.00
C ASN A 109 -13.99 12.97 9.34
N ASP A 110 -13.05 13.49 10.12
CA ASP A 110 -11.71 13.68 9.59
C ASP A 110 -10.88 12.40 9.63
N GLN A 111 -11.00 11.64 10.72
CA GLN A 111 -10.35 10.33 10.77
C GLN A 111 -10.87 9.51 9.58
N VAL A 112 -12.17 9.54 9.35
CA VAL A 112 -12.74 8.83 8.20
C VAL A 112 -12.21 9.36 6.86
N THR A 113 -12.27 10.67 6.67
CA THR A 113 -11.78 11.29 5.43
C THR A 113 -10.33 10.92 5.09
N LEU A 114 -9.43 11.03 6.07
CA LEU A 114 -8.01 10.80 5.82
C LEU A 114 -7.79 9.36 5.41
N LEU A 115 -8.38 8.44 6.16
CA LEU A 115 -8.32 7.02 5.83
C LEU A 115 -8.89 6.77 4.42
N LYS A 116 -10.05 7.36 4.16
CA LYS A 116 -10.72 7.18 2.88
C LYS A 116 -9.82 7.52 1.71
N TYR A 117 -9.19 8.69 1.79
CA TYR A 117 -8.33 9.14 0.71
C TYR A 117 -6.90 8.64 0.82
N GLY A 118 -6.55 8.04 1.95
CA GLY A 118 -5.16 7.64 2.18
C GLY A 118 -4.82 6.15 2.04
N VAL A 119 -5.79 5.27 2.27
CA VAL A 119 -5.46 3.87 2.37
C VAL A 119 -4.80 3.33 1.11
N TYR A 120 -5.34 3.64 -0.06
CA TYR A 120 -4.77 3.09 -1.29
C TYR A 120 -3.38 3.66 -1.66
N GLU A 121 -3.11 4.92 -1.33
CA GLU A 121 -1.76 5.40 -1.58
C GLU A 121 -0.80 4.61 -0.69
N ALA A 122 -1.22 4.40 0.55
CA ALA A 122 -0.41 3.67 1.54
C ALA A 122 -0.25 2.22 1.11
N ILE A 123 -1.36 1.63 0.70
CA ILE A 123 -1.35 0.23 0.26
C ILE A 123 -0.33 0.02 -0.85
N PHE A 124 -0.35 0.88 -1.86
CA PHE A 124 0.58 0.72 -2.98
C PHE A 124 2.01 1.11 -2.62
N ALA A 125 2.20 2.00 -1.66
CA ALA A 125 3.55 2.30 -1.19
C ALA A 125 4.11 1.05 -0.51
N MET A 126 3.30 0.49 0.38
CA MET A 126 3.71 -0.69 1.13
C MET A 126 3.75 -1.95 0.26
N LEU A 127 2.97 -2.00 -0.80
CA LEU A 127 3.02 -3.13 -1.73
C LEU A 127 4.44 -3.31 -2.27
N SER A 128 5.20 -2.22 -2.30
CA SER A 128 6.52 -2.24 -2.89
C SER A 128 7.47 -3.12 -2.10
N SER A 129 7.25 -3.16 -0.78
CA SER A 129 8.08 -3.98 0.09
C SER A 129 8.05 -5.48 -0.23
N VAL A 130 6.98 -5.93 -0.88
CA VAL A 130 6.85 -7.36 -1.15
C VAL A 130 7.04 -7.70 -2.63
N MET A 131 7.45 -6.71 -3.42
CA MET A 131 7.67 -6.90 -4.85
C MET A 131 9.15 -6.78 -5.19
N ASN A 132 9.65 -7.69 -6.01
CA ASN A 132 10.91 -7.48 -6.69
C ASN A 132 10.59 -7.52 -8.18
N LYS A 133 11.58 -7.39 -9.05
CA LYS A 133 11.31 -7.33 -10.49
C LYS A 133 10.61 -8.58 -11.05
N ASP A 134 10.62 -9.65 -10.27
CA ASP A 134 10.14 -10.96 -10.74
C ASP A 134 8.72 -11.28 -10.31
N GLY A 135 8.28 -10.68 -9.21
CA GLY A 135 6.97 -11.01 -8.67
C GLY A 135 6.75 -10.44 -7.28
N MET A 136 5.63 -10.80 -6.67
CA MET A 136 5.26 -10.33 -5.35
C MET A 136 4.89 -11.46 -4.38
N LEU A 137 5.25 -11.28 -3.12
CA LEU A 137 4.85 -12.20 -2.07
C LEU A 137 3.34 -12.08 -1.84
N VAL A 138 2.70 -13.22 -1.60
CA VAL A 138 1.26 -13.31 -1.32
C VAL A 138 1.04 -14.44 -0.30
N ALA A 139 -0.20 -14.58 0.19
CA ALA A 139 -0.53 -15.57 1.20
C ALA A 139 0.37 -15.41 2.41
N TYR A 140 0.44 -14.18 2.93
CA TYR A 140 1.18 -13.89 4.16
C TYR A 140 2.66 -14.23 4.07
N GLY A 141 3.15 -14.40 2.84
CA GLY A 141 4.54 -14.70 2.62
C GLY A 141 4.84 -16.09 2.09
N ASN A 142 3.92 -17.02 2.26
CA ASN A 142 4.19 -18.42 1.87
C ASN A 142 3.99 -18.66 0.36
N GLY A 143 3.52 -17.63 -0.34
CA GLY A 143 3.32 -17.72 -1.77
C GLY A 143 4.07 -16.61 -2.51
N PHE A 144 4.31 -16.83 -3.80
CA PHE A 144 5.00 -15.84 -4.59
C PHE A 144 4.50 -15.87 -6.02
N ILE A 145 3.80 -14.83 -6.44
CA ILE A 145 3.22 -14.83 -7.77
C ILE A 145 4.04 -13.96 -8.72
N THR A 146 4.43 -14.54 -9.85
CA THR A 146 5.36 -13.85 -10.74
C THR A 146 4.69 -12.73 -11.53
N ARG A 147 5.50 -11.73 -11.83
CA ARG A 147 5.12 -10.55 -12.59
C ARG A 147 4.67 -10.98 -13.98
N GLU A 148 5.51 -11.76 -14.66
CA GLU A 148 5.17 -12.39 -15.94
C GLU A 148 3.83 -13.15 -15.95
N PHE A 149 3.61 -14.03 -14.97
CA PHE A 149 2.38 -14.82 -14.90
C PHE A 149 1.17 -13.90 -14.75
N LEU A 150 1.34 -12.81 -14.01
CA LEU A 150 0.29 -11.81 -13.87
C LEU A 150 0.01 -11.09 -15.21
N LYS A 151 1.07 -10.85 -15.99
CA LYS A 151 0.95 -10.14 -17.26
C LYS A 151 0.33 -11.02 -18.35
N SER A 152 0.57 -12.32 -18.27
CA SER A 152 0.00 -13.27 -19.21
C SER A 152 -1.54 -13.32 -19.13
N LEU A 153 -2.09 -12.86 -18.01
CA LEU A 153 -3.54 -12.84 -17.79
C LEU A 153 -4.29 -12.12 -18.91
N ARG A 154 -5.55 -12.46 -19.11
CA ARG A 154 -6.36 -11.79 -20.11
C ARG A 154 -6.66 -10.37 -19.64
N LYS A 155 -7.06 -9.50 -20.56
CA LYS A 155 -7.42 -8.14 -20.19
C LYS A 155 -8.76 -8.17 -19.47
N PRO A 156 -9.01 -7.20 -18.57
CA PRO A 156 -8.09 -6.12 -18.15
C PRO A 156 -7.27 -6.50 -16.93
N PHE A 157 -7.46 -7.72 -16.45
CA PHE A 157 -6.83 -8.14 -15.20
C PHE A 157 -5.30 -8.09 -15.23
N CYS A 158 -4.72 -8.22 -16.43
CA CYS A 158 -3.27 -8.11 -16.60
C CYS A 158 -2.74 -6.69 -16.40
N ASP A 159 -3.62 -5.71 -16.59
CA ASP A 159 -3.24 -4.31 -16.45
C ASP A 159 -3.31 -3.83 -15.02
N ILE A 160 -3.64 -4.74 -14.11
CA ILE A 160 -3.85 -4.33 -12.72
C ILE A 160 -2.55 -4.16 -11.95
N MET A 161 -1.70 -5.19 -12.01
CA MET A 161 -0.52 -5.22 -11.16
C MET A 161 0.66 -4.52 -11.81
N GLU A 162 0.69 -4.47 -13.13
CA GLU A 162 1.85 -3.91 -13.82
C GLU A 162 2.24 -2.50 -13.37
N PRO A 163 1.30 -1.52 -13.45
CA PRO A 163 1.72 -0.17 -13.04
C PRO A 163 2.24 -0.16 -11.60
N LYS A 164 1.70 -1.04 -10.76
CA LYS A 164 2.18 -1.17 -9.37
C LYS A 164 3.60 -1.73 -9.32
N PHE A 165 3.91 -2.64 -10.23
CA PHE A 165 5.26 -3.17 -10.29
C PHE A 165 6.17 -2.05 -10.75
N ASP A 166 5.71 -1.27 -11.72
CA ASP A 166 6.47 -0.13 -12.22
C ASP A 166 6.79 0.85 -11.10
N PHE A 167 5.78 1.26 -10.37
CA PHE A 167 5.98 2.11 -9.22
C PHE A 167 6.99 1.50 -8.24
N ALA A 168 6.82 0.22 -7.92
CA ALA A 168 7.63 -0.47 -6.90
C ALA A 168 9.10 -0.47 -7.21
N MET A 169 9.44 -0.70 -8.47
CA MET A 169 10.83 -0.77 -8.87
C MET A 169 11.53 0.55 -8.63
N LYS A 170 10.92 1.64 -9.06
CA LYS A 170 11.50 2.98 -8.85
C LYS A 170 11.49 3.34 -7.36
N PHE A 171 10.49 2.84 -6.64
CA PHE A 171 10.40 3.12 -5.23
C PHE A 171 11.46 2.35 -4.42
N ASN A 172 11.57 1.06 -4.67
CA ASN A 172 12.58 0.26 -4.01
C ASN A 172 14.00 0.74 -4.33
N ALA A 173 14.12 1.46 -5.44
CA ALA A 173 15.41 1.98 -5.85
C ALA A 173 15.88 3.02 -4.83
N LEU A 174 14.94 3.60 -4.09
CA LEU A 174 15.26 4.55 -3.02
C LEU A 174 15.81 3.83 -1.79
N GLU A 175 15.55 2.53 -1.70
CA GLU A 175 16.05 1.68 -0.62
C GLU A 175 15.66 2.18 0.74
N LEU A 176 14.39 2.55 0.91
CA LEU A 176 13.89 2.92 2.23
C LEU A 176 13.86 1.69 3.13
N ASP A 177 13.96 1.91 4.44
CA ASP A 177 13.67 0.84 5.38
C ASP A 177 12.33 1.09 6.09
N ASP A 178 11.97 0.15 6.95
CA ASP A 178 10.69 0.22 7.66
C ASP A 178 10.58 1.51 8.48
N SER A 179 11.69 1.97 9.06
CA SER A 179 11.63 3.20 9.85
C SER A 179 11.33 4.41 8.95
N ASP A 180 11.77 4.34 7.70
CA ASP A 180 11.42 5.37 6.72
C ASP A 180 9.97 5.23 6.24
N ILE A 181 9.64 4.01 5.85
CA ILE A 181 8.33 3.73 5.27
C ILE A 181 7.20 4.04 6.25
N SER A 182 7.41 3.72 7.51
CA SER A 182 6.40 3.99 8.55
C SER A 182 6.07 5.49 8.58
N LEU A 183 7.10 6.31 8.57
CA LEU A 183 6.94 7.76 8.53
C LEU A 183 6.30 8.21 7.21
N PHE A 184 6.74 7.61 6.10
CA PHE A 184 6.14 7.92 4.80
C PHE A 184 4.63 7.61 4.75
N VAL A 185 4.25 6.43 5.22
CA VAL A 185 2.82 6.07 5.29
C VAL A 185 2.06 6.97 6.24
N ALA A 186 2.69 7.33 7.35
CA ALA A 186 2.05 8.23 8.31
C ALA A 186 1.73 9.58 7.63
N ALA A 187 2.64 10.02 6.77
CA ALA A 187 2.49 11.31 6.08
C ALA A 187 1.44 11.24 5.01
N ILE A 188 1.45 10.15 4.23
CA ILE A 188 0.35 9.87 3.30
C ILE A 188 -0.97 9.98 4.02
N ILE A 189 -1.05 9.39 5.20
CA ILE A 189 -2.33 9.37 5.89
C ILE A 189 -2.72 10.75 6.46
N CYS A 190 -1.82 11.37 7.18
CA CYS A 190 -2.12 12.68 7.78
C CYS A 190 -1.85 13.76 6.74
N CYS A 191 -2.81 13.94 5.86
CA CYS A 191 -2.61 14.77 4.68
C CYS A 191 -3.62 15.91 4.65
N GLY A 192 -3.13 17.13 4.83
CA GLY A 192 -3.98 18.28 4.99
C GLY A 192 -4.81 18.66 3.77
N ASP A 193 -4.52 18.08 2.60
CA ASP A 193 -5.28 18.48 1.41
C ASP A 193 -6.27 17.45 0.84
N ARG A 194 -6.76 16.55 1.68
CA ARG A 194 -7.86 15.67 1.26
C ARG A 194 -9.14 16.48 1.25
N PRO A 195 -10.03 16.22 0.28
CA PRO A 195 -11.26 17.02 0.22
C PRO A 195 -12.22 16.74 1.38
N GLY A 196 -12.82 17.81 1.89
CA GLY A 196 -13.85 17.71 2.91
C GLY A 196 -13.37 17.61 4.34
N LEU A 197 -12.18 18.12 4.62
CA LEU A 197 -11.69 18.10 5.99
C LEU A 197 -12.37 19.18 6.79
N LEU A 198 -12.59 18.93 8.07
CA LEU A 198 -13.18 19.96 8.91
C LEU A 198 -12.07 20.84 9.44
N ASN A 199 -11.19 20.26 10.25
CA ASN A 199 -10.15 21.01 10.90
C ASN A 199 -8.83 20.99 10.11
N VAL A 200 -8.81 21.65 8.96
CA VAL A 200 -7.66 21.60 8.07
C VAL A 200 -6.40 22.20 8.68
N GLY A 201 -6.55 23.33 9.37
CA GLY A 201 -5.42 24.01 9.98
C GLY A 201 -4.62 23.06 10.84
N HIS A 202 -5.33 22.31 11.68
CA HIS A 202 -4.66 21.41 12.60
C HIS A 202 -4.06 20.21 11.87
N ILE A 203 -4.74 19.73 10.84
CA ILE A 203 -4.23 18.57 10.13
C ILE A 203 -2.99 18.96 9.31
N GLU A 204 -3.00 20.18 8.79
CA GLU A 204 -1.80 20.74 8.18
C GLU A 204 -0.60 20.69 9.13
N LYS A 205 -0.81 21.18 10.36
CA LYS A 205 0.24 21.15 11.38
C LYS A 205 0.69 19.72 11.71
N MET A 206 -0.26 18.81 11.89
CA MET A 206 0.09 17.39 12.07
C MET A 206 1.01 16.87 10.97
N GLN A 207 0.59 17.03 9.72
CA GLN A 207 1.39 16.66 8.57
C GLN A 207 2.77 17.36 8.63
N GLU A 208 2.79 18.65 8.92
CA GLU A 208 4.06 19.38 8.99
C GLU A 208 5.01 18.69 9.98
N GLY A 209 4.50 18.37 11.17
CA GLY A 209 5.31 17.70 12.17
C GLY A 209 5.84 16.35 11.72
N ILE A 210 5.04 15.60 10.97
CA ILE A 210 5.41 14.27 10.53
C ILE A 210 6.43 14.34 9.40
N VAL A 211 6.13 15.21 8.45
CA VAL A 211 7.04 15.52 7.35
C VAL A 211 8.42 15.97 7.89
N HIS A 212 8.39 16.80 8.93
CA HIS A 212 9.60 17.29 9.56
C HIS A 212 10.43 16.13 10.12
N VAL A 213 9.79 15.24 10.87
CA VAL A 213 10.46 14.08 11.43
C VAL A 213 11.05 13.24 10.31
N LEU A 214 10.26 13.04 9.26
CA LEU A 214 10.70 12.26 8.10
C LEU A 214 11.96 12.84 7.45
N ARG A 215 11.96 14.14 7.19
CA ARG A 215 13.10 14.79 6.52
C ARG A 215 14.38 14.60 7.32
N LEU A 216 14.34 14.93 8.59
CA LEU A 216 15.50 14.79 9.45
C LEU A 216 15.87 13.33 9.56
N HIS A 217 14.86 12.47 9.66
CA HIS A 217 15.14 11.05 9.76
C HIS A 217 15.84 10.57 8.48
N LEU A 218 15.41 11.07 7.33
CA LEU A 218 16.02 10.70 6.06
C LEU A 218 17.43 11.26 5.92
N GLN A 219 17.67 12.39 6.58
CA GLN A 219 18.97 13.01 6.49
C GLN A 219 20.00 12.23 7.30
N SER A 220 19.58 11.69 8.45
CA SER A 220 20.49 10.93 9.30
C SER A 220 20.63 9.50 8.80
N ASN A 221 19.58 8.98 8.17
CA ASN A 221 19.53 7.57 7.82
C ASN A 221 19.95 7.31 6.36
N HIS A 222 19.98 8.37 5.55
CA HIS A 222 20.46 8.27 4.17
C HIS A 222 21.30 9.45 3.75
N PRO A 223 22.46 9.65 4.40
CA PRO A 223 23.35 10.80 4.14
C PRO A 223 23.85 10.87 2.70
N ASP A 224 23.75 9.77 1.97
CA ASP A 224 24.33 9.68 0.62
C ASP A 224 23.47 10.38 -0.44
N ASP A 225 22.22 10.63 -0.07
CA ASP A 225 21.32 11.38 -0.92
C ASP A 225 20.52 12.30 -0.02
N ILE A 226 21.05 13.49 0.19
CA ILE A 226 20.43 14.45 1.07
C ILE A 226 19.15 14.99 0.45
N PHE A 227 18.97 14.71 -0.84
CA PHE A 227 17.75 15.08 -1.56
C PHE A 227 16.79 13.85 -1.73
N LEU A 228 16.96 12.86 -0.87
CA LEU A 228 16.07 11.72 -0.91
C LEU A 228 14.65 12.15 -0.51
N PHE A 229 14.58 13.06 0.46
CA PHE A 229 13.32 13.64 0.90
C PHE A 229 12.43 14.22 -0.22
N PRO A 230 12.95 15.16 -1.02
CA PRO A 230 12.11 15.64 -2.12
C PRO A 230 11.75 14.55 -3.12
N LYS A 231 12.57 13.50 -3.21
CA LYS A 231 12.24 12.43 -4.15
C LYS A 231 11.02 11.68 -3.64
N LEU A 232 10.89 11.59 -2.33
CA LEU A 232 9.76 10.91 -1.74
C LEU A 232 8.50 11.73 -1.89
N LEU A 233 8.66 13.06 -1.94
CA LEU A 233 7.54 13.92 -2.22
C LEU A 233 7.08 13.68 -3.65
N GLN A 234 8.02 13.36 -4.54
CA GLN A 234 7.63 13.02 -5.90
C GLN A 234 6.91 11.69 -5.88
N LYS A 235 7.37 10.77 -5.03
CA LYS A 235 6.70 9.48 -4.93
C LYS A 235 5.25 9.68 -4.49
N MET A 236 5.02 10.56 -3.52
CA MET A 236 3.67 10.84 -3.05
C MET A 236 2.75 11.28 -4.19
N ALA A 237 3.25 12.21 -5.00
CA ALA A 237 2.50 12.65 -6.17
C ALA A 237 2.20 11.46 -7.09
N ASP A 238 3.19 10.60 -7.31
CA ASP A 238 3.02 9.46 -8.19
C ASP A 238 1.99 8.47 -7.63
N LEU A 239 1.93 8.34 -6.31
CA LEU A 239 0.96 7.45 -5.68
C LEU A 239 -0.45 7.95 -5.93
N ARG A 240 -0.65 9.27 -5.85
CA ARG A 240 -1.98 9.83 -6.06
C ARG A 240 -2.44 9.54 -7.50
N GLN A 241 -1.52 9.63 -8.44
CA GLN A 241 -1.81 9.34 -9.84
C GLN A 241 -1.99 7.83 -10.09
N LEU A 242 -1.17 7.02 -9.44
CA LEU A 242 -1.27 5.56 -9.54
C LEU A 242 -2.67 5.08 -9.09
N VAL A 243 -3.14 5.62 -7.97
CA VAL A 243 -4.41 5.26 -7.35
C VAL A 243 -5.59 5.70 -8.20
N THR A 244 -5.54 6.93 -8.70
CA THR A 244 -6.54 7.44 -9.64
C THR A 244 -6.71 6.49 -10.84
N GLU A 245 -5.61 6.09 -11.44
CA GLU A 245 -5.65 5.13 -12.53
C GLU A 245 -6.19 3.77 -12.09
N HIS A 246 -5.83 3.35 -10.88
CA HIS A 246 -6.32 2.08 -10.35
C HIS A 246 -7.83 2.09 -10.23
N ALA A 247 -8.38 3.16 -9.65
CA ALA A 247 -9.83 3.27 -9.46
C ALA A 247 -10.60 3.20 -10.79
N GLN A 248 -9.96 3.65 -11.87
CA GLN A 248 -10.57 3.61 -13.19
C GLN A 248 -10.62 2.19 -13.75
N LEU A 249 -9.50 1.49 -13.67
CA LEU A 249 -9.43 0.08 -14.04
C LEU A 249 -10.45 -0.72 -13.20
N VAL A 250 -10.51 -0.38 -11.91
CA VAL A 250 -11.53 -0.92 -11.00
C VAL A 250 -12.93 -0.67 -11.54
N GLN A 251 -13.19 0.55 -11.97
CA GLN A 251 -14.51 0.89 -12.46
C GLN A 251 -14.78 0.16 -13.77
N ILE A 252 -13.72 -0.08 -14.54
CA ILE A 252 -13.86 -0.89 -15.75
C ILE A 252 -14.24 -2.34 -15.41
N ILE A 253 -13.49 -2.96 -14.50
CA ILE A 253 -13.74 -4.34 -14.10
C ILE A 253 -15.10 -4.51 -13.44
N LYS A 254 -15.55 -3.47 -12.74
CA LYS A 254 -16.91 -3.42 -12.21
C LYS A 254 -17.98 -3.53 -13.33
N LYS A 255 -17.67 -2.97 -14.49
CA LYS A 255 -18.62 -2.93 -15.62
C LYS A 255 -18.38 -4.01 -16.69
N THR A 256 -17.16 -4.56 -16.77
CA THR A 256 -16.91 -5.72 -17.64
C THR A 256 -17.45 -6.99 -17.02
N GLU A 257 -16.68 -7.54 -16.07
CA GLU A 257 -16.89 -8.89 -15.62
C GLU A 257 -17.95 -9.02 -14.55
N SER A 258 -19.06 -9.67 -14.92
CA SER A 258 -19.92 -10.28 -13.93
C SER A 258 -19.04 -11.38 -13.37
N ASP A 259 -19.35 -11.86 -12.17
CA ASP A 259 -18.54 -12.89 -11.47
C ASP A 259 -17.32 -12.26 -10.78
N ALA A 260 -16.98 -11.02 -11.14
CA ALA A 260 -15.96 -10.27 -10.39
C ALA A 260 -16.61 -9.21 -9.49
N ALA A 261 -17.29 -9.66 -8.44
CA ALA A 261 -17.98 -8.76 -7.53
C ALA A 261 -16.99 -7.95 -6.71
N LEU A 262 -17.26 -6.67 -6.51
CA LEU A 262 -16.41 -5.85 -5.66
C LEU A 262 -16.93 -5.79 -4.21
N HIS A 263 -16.06 -6.18 -3.29
CA HIS A 263 -16.30 -6.14 -1.85
C HIS A 263 -16.85 -4.78 -1.42
N PRO A 264 -18.01 -4.79 -0.73
CA PRO A 264 -18.70 -3.55 -0.30
C PRO A 264 -17.82 -2.58 0.48
N LEU A 265 -16.84 -3.07 1.24
CA LEU A 265 -15.92 -2.15 1.90
C LEU A 265 -15.10 -1.38 0.88
N LEU A 266 -14.50 -2.07 -0.08
CA LEU A 266 -13.70 -1.41 -1.10
C LEU A 266 -14.57 -0.47 -1.93
N GLN A 267 -15.77 -0.94 -2.27
CA GLN A 267 -16.76 -0.13 -2.98
C GLN A 267 -17.09 1.18 -2.23
N GLU A 268 -17.16 1.12 -0.90
CA GLU A 268 -17.47 2.31 -0.12
C GLU A 268 -16.28 3.29 -0.13
N ILE A 269 -15.09 2.75 0.07
CA ILE A 269 -13.85 3.51 -0.09
C ILE A 269 -13.80 4.27 -1.41
N TYR A 270 -14.05 3.58 -2.53
CA TYR A 270 -14.04 4.22 -3.84
C TYR A 270 -15.18 5.22 -4.12
N ARG A 271 -16.26 5.14 -3.38
CA ARG A 271 -17.43 5.97 -3.65
C ARG A 271 -17.10 7.46 -3.52
N ASP A 272 -17.36 8.21 -4.59
CA ASP A 272 -17.06 9.66 -4.63
C ASP A 272 -15.61 9.99 -4.29
N MET A 273 -14.67 9.16 -4.72
CA MET A 273 -13.26 9.41 -4.45
C MET A 273 -12.50 9.98 -5.65
C01 Y1N B . -8.55 -5.40 -4.95
C02 Y1N B . -8.60 -4.17 -5.79
C03 Y1N B . -9.77 -4.31 -6.71
O04 Y1N B . -7.42 -4.02 -6.50
C05 Y1N B . -6.18 -4.35 -5.99
C06 Y1N B . -5.37 -5.27 -6.62
C07 Y1N B . -4.13 -5.60 -6.08
C08 Y1N B . -3.71 -4.99 -4.90
C09 Y1N B . -2.40 -5.30 -4.26
C10 Y1N B . -2.24 -6.69 -3.74
O11 Y1N B . -2.36 -7.59 -4.77
C12 Y1N B . -2.44 -8.96 -4.63
C13 Y1N B . -2.59 -9.68 -5.80
C14 Y1N B . -2.68 -11.04 -5.77
C15 Y1N B . -2.60 -11.71 -4.56
N16 Y1N B . -2.71 -13.14 -4.64
N17 Y1N B . -2.62 -13.91 -3.69
C18 Y1N B . -2.86 -15.29 -3.99
C19 Y1N B . -2.76 -16.26 -3.00
C20 Y1N B . -3.00 -17.59 -3.33
C21 Y1N B . -3.34 -17.93 -4.63
C22 Y1N B . -3.45 -16.97 -5.61
C23 Y1N B . -3.20 -15.64 -5.29
C24 Y1N B . -2.44 -11.01 -3.37
C25 Y1N B . -2.35 -9.61 -3.40
C26 Y1N B . -4.52 -4.06 -4.27
C27 Y1N B . -5.75 -3.73 -4.82
C28 Y1N B . -8.84 -2.95 -4.94
O29 Y1N B . -9.13 -1.86 -5.47
O30 Y1N B . -8.74 -3.05 -3.68
#